data_2N6T
#
_entry.id   2N6T
#
_entity_poly.entity_id   1
_entity_poly.type   'polyribonucleotide'
_entity_poly.pdbx_seq_one_letter_code
;GGGUAGAGUAUAAUUAGUCUUCGGACUUCCUUAUACUUAUCC
;
_entity_poly.pdbx_strand_id   A
#
loop_
_chem_comp.id
_chem_comp.type
_chem_comp.name
_chem_comp.formula
A RNA linking ADENOSINE-5'-MONOPHOSPHATE 'C10 H14 N5 O7 P'
C RNA linking CYTIDINE-5'-MONOPHOSPHATE 'C9 H14 N3 O8 P'
G RNA linking GUANOSINE-5'-MONOPHOSPHATE 'C10 H14 N5 O8 P'
U RNA linking URIDINE-5'-MONOPHOSPHATE 'C9 H13 N2 O9 P'
#